data_4GQN
#
_entry.id   4GQN
#
_cell.length_a   69.850
_cell.length_b   92.300
_cell.length_c   99.090
_cell.angle_alpha   90.00
_cell.angle_beta   90.00
_cell.angle_gamma   90.00
#
_symmetry.space_group_name_H-M   'P 21 21 21'
#
loop_
_entity.id
_entity.type
_entity.pdbx_description
1 polymer 'Riboflavin synthase subunit alpha'
2 non-polymer 5-NITRO-6-RIBITYL-AMINO-2,4(1H,3H)-PYRIMIDINEDIONE
3 water water
#
_entity_poly.entity_id   1
_entity_poly.type   'polypeptide(L)'
_entity_poly.pdbx_seq_one_letter_code
;MFTGIITDIGKVDRVKPLNEGVLLRIETAYDPETIELGASIACSGVCLTVVALPEKGSNARWFEVEAWEEALRLTTISSW
QSGRKINLERSLKLGDEMGGHLVFGHVDGQAEIVERKDEGDAVRFTLRAPEELAPFIAQKGSVALDGTSLTVNGVNANEF
DVLLIRHSLEVTTWGERKAGDKVNIEIDQLARYAARLAQYQKLEHHHHHH
;
_entity_poly.pdbx_strand_id   A,B,C
#
# COMPACT_ATOMS: atom_id res chain seq x y z
N MET A 1 -7.44 -2.17 -0.96
CA MET A 1 -7.00 -2.47 -2.32
C MET A 1 -7.20 -3.93 -2.69
N PHE A 2 -7.43 -4.19 -3.99
CA PHE A 2 -7.72 -5.51 -4.55
C PHE A 2 -6.92 -5.71 -5.84
N THR A 3 -7.00 -6.91 -6.44
CA THR A 3 -6.30 -7.26 -7.70
C THR A 3 -7.26 -7.54 -8.86
N GLY A 4 -8.55 -7.57 -8.59
CA GLY A 4 -9.56 -7.87 -9.60
C GLY A 4 -9.68 -9.35 -9.91
N ILE A 5 -9.11 -10.20 -9.05
CA ILE A 5 -9.17 -11.66 -9.17
C ILE A 5 -10.29 -12.12 -8.24
N ILE A 6 -11.49 -12.35 -8.81
CA ILE A 6 -12.69 -12.78 -8.08
C ILE A 6 -12.48 -14.16 -7.47
N THR A 7 -12.80 -14.29 -6.17
CA THR A 7 -12.62 -15.54 -5.43
C THR A 7 -13.91 -16.21 -4.97
N ASP A 8 -15.06 -15.52 -5.14
CA ASP A 8 -16.36 -16.05 -4.77
C ASP A 8 -17.50 -15.37 -5.50
N ILE A 9 -18.60 -16.11 -5.70
CA ILE A 9 -19.84 -15.59 -6.27
C ILE A 9 -20.81 -15.48 -5.10
N GLY A 10 -20.97 -14.27 -4.61
CA GLY A 10 -21.87 -13.96 -3.51
C GLY A 10 -23.31 -13.86 -3.98
N LYS A 11 -24.25 -13.84 -3.02
CA LYS A 11 -25.67 -13.72 -3.33
C LYS A 11 -26.30 -12.71 -2.37
N VAL A 12 -27.03 -11.73 -2.93
CA VAL A 12 -27.72 -10.70 -2.13
C VAL A 12 -28.89 -11.39 -1.44
N ASP A 13 -28.82 -11.50 -0.11
CA ASP A 13 -29.84 -12.15 0.72
C ASP A 13 -31.01 -11.21 0.96
N ARG A 14 -30.72 -9.98 1.38
CA ARG A 14 -31.72 -8.98 1.71
C ARG A 14 -31.19 -7.57 1.48
N VAL A 15 -32.09 -6.65 1.09
CA VAL A 15 -31.81 -5.24 0.87
C VAL A 15 -32.72 -4.47 1.82
N LYS A 16 -32.12 -3.75 2.78
CA LYS A 16 -32.87 -2.98 3.78
C LYS A 16 -32.64 -1.48 3.57
N PRO A 17 -33.70 -0.65 3.55
CA PRO A 17 -33.50 0.79 3.33
C PRO A 17 -32.94 1.53 4.54
N LEU A 18 -31.96 2.40 4.28
CA LEU A 18 -31.29 3.25 5.28
C LEU A 18 -31.56 4.71 4.90
N ASN A 19 -31.07 5.67 5.72
CA ASN A 19 -31.25 7.10 5.44
C ASN A 19 -30.26 7.49 4.34
N GLU A 20 -30.74 7.52 3.08
CA GLU A 20 -29.99 7.79 1.84
C GLU A 20 -28.94 6.69 1.58
N GLY A 21 -29.32 5.46 1.90
CA GLY A 21 -28.46 4.29 1.72
C GLY A 21 -29.21 2.98 1.78
N VAL A 22 -28.48 1.87 1.60
CA VAL A 22 -29.03 0.52 1.67
C VAL A 22 -28.12 -0.38 2.51
N LEU A 23 -28.74 -1.26 3.30
CA LEU A 23 -28.04 -2.27 4.09
C LEU A 23 -28.14 -3.56 3.28
N LEU A 24 -26.99 -4.11 2.90
CA LEU A 24 -26.95 -5.32 2.10
C LEU A 24 -26.42 -6.49 2.90
N ARG A 25 -27.15 -7.61 2.88
CA ARG A 25 -26.71 -8.87 3.50
C ARG A 25 -26.30 -9.75 2.33
N ILE A 26 -25.04 -10.16 2.30
CA ILE A 26 -24.48 -10.95 1.20
C ILE A 26 -24.06 -12.34 1.66
N GLU A 27 -24.69 -13.37 1.08
CA GLU A 27 -24.37 -14.78 1.35
C GLU A 27 -23.04 -15.06 0.65
N THR A 28 -22.13 -15.77 1.32
CA THR A 28 -20.80 -16.05 0.78
C THR A 28 -20.28 -17.44 1.16
N ALA A 29 -19.31 -17.94 0.40
CA ALA A 29 -18.64 -19.21 0.67
C ALA A 29 -17.45 -18.93 1.62
N TYR A 30 -17.10 -17.64 1.83
CA TYR A 30 -16.03 -17.22 2.75
C TYR A 30 -16.43 -17.58 4.17
N ASP A 31 -15.46 -18.09 4.96
CA ASP A 31 -15.69 -18.45 6.37
C ASP A 31 -15.83 -17.16 7.19
N PRO A 32 -16.96 -16.92 7.92
CA PRO A 32 -17.09 -15.68 8.70
C PRO A 32 -16.01 -15.51 9.78
N GLU A 33 -15.32 -16.63 10.12
CA GLU A 33 -14.21 -16.68 11.07
C GLU A 33 -12.92 -16.12 10.44
N THR A 34 -12.93 -15.88 9.10
CA THR A 34 -11.80 -15.30 8.36
C THR A 34 -12.10 -13.84 7.97
N ILE A 35 -13.35 -13.37 8.24
CA ILE A 35 -13.78 -12.01 7.96
C ILE A 35 -13.85 -11.24 9.28
N GLU A 36 -13.00 -10.23 9.45
CA GLU A 36 -12.99 -9.39 10.64
C GLU A 36 -14.01 -8.27 10.43
N LEU A 37 -14.58 -7.73 11.53
CA LEU A 37 -15.51 -6.60 11.44
C LEU A 37 -14.71 -5.38 10.97
N GLY A 38 -15.23 -4.66 9.98
CA GLY A 38 -14.55 -3.51 9.42
C GLY A 38 -13.66 -3.85 8.23
N ALA A 39 -13.67 -5.12 7.79
CA ALA A 39 -12.89 -5.56 6.62
C ALA A 39 -13.52 -5.00 5.35
N SER A 40 -12.70 -4.76 4.32
CA SER A 40 -13.18 -4.25 3.04
C SER A 40 -13.32 -5.38 2.04
N ILE A 41 -14.51 -5.51 1.44
CA ILE A 41 -14.80 -6.53 0.45
C ILE A 41 -15.31 -5.86 -0.82
N ALA A 42 -14.74 -6.23 -1.99
CA ALA A 42 -15.16 -5.70 -3.28
C ALA A 42 -16.40 -6.49 -3.69
N CYS A 43 -17.55 -5.80 -3.80
CA CYS A 43 -18.85 -6.40 -4.15
C CYS A 43 -19.20 -5.95 -5.55
N SER A 44 -18.96 -6.84 -6.55
CA SER A 44 -19.09 -6.57 -7.98
C SER A 44 -18.33 -5.28 -8.37
N GLY A 45 -17.14 -5.15 -7.79
CA GLY A 45 -16.23 -4.03 -8.01
C GLY A 45 -16.40 -2.84 -7.09
N VAL A 46 -17.36 -2.88 -6.16
CA VAL A 46 -17.60 -1.78 -5.23
C VAL A 46 -16.97 -2.08 -3.88
N CYS A 47 -16.03 -1.23 -3.44
CA CYS A 47 -15.38 -1.40 -2.15
C CYS A 47 -16.37 -1.01 -1.07
N LEU A 48 -16.70 -1.96 -0.19
CA LEU A 48 -17.65 -1.76 0.91
C LEU A 48 -17.08 -2.38 2.19
N THR A 49 -17.32 -1.73 3.35
CA THR A 49 -16.84 -2.17 4.67
C THR A 49 -17.87 -3.03 5.39
N VAL A 50 -17.42 -4.17 5.95
CA VAL A 50 -18.25 -5.11 6.72
C VAL A 50 -18.67 -4.44 8.04
N VAL A 51 -19.99 -4.31 8.26
CA VAL A 51 -20.57 -3.70 9.46
C VAL A 51 -21.16 -4.71 10.45
N ALA A 52 -21.52 -5.90 9.96
CA ALA A 52 -22.10 -6.97 10.77
C ALA A 52 -21.80 -8.35 10.20
N LEU A 53 -21.71 -9.34 11.08
CA LEU A 53 -21.44 -10.73 10.75
C LEU A 53 -22.43 -11.64 11.52
N PRO A 54 -22.60 -12.94 11.16
CA PRO A 54 -23.55 -13.77 11.92
C PRO A 54 -23.12 -13.96 13.37
N GLU A 55 -24.10 -14.23 14.24
CA GLU A 55 -23.90 -14.47 15.67
C GLU A 55 -22.99 -15.68 15.90
N LYS A 56 -22.24 -15.69 17.02
CA LYS A 56 -21.35 -16.80 17.38
C LYS A 56 -22.23 -18.05 17.63
N GLY A 57 -21.85 -19.16 16.99
CA GLY A 57 -22.59 -20.41 17.09
C GLY A 57 -23.50 -20.68 15.89
N SER A 58 -23.95 -19.60 15.21
CA SER A 58 -24.81 -19.69 14.01
C SER A 58 -24.02 -20.29 12.85
N ASN A 59 -24.69 -21.16 12.06
CA ASN A 59 -24.11 -21.84 10.91
C ASN A 59 -24.16 -20.99 9.62
N ALA A 60 -24.76 -19.78 9.70
CA ALA A 60 -24.92 -18.85 8.58
C ALA A 60 -23.59 -18.31 8.04
N ARG A 61 -23.52 -18.15 6.71
CA ARG A 61 -22.34 -17.63 6.04
C ARG A 61 -22.68 -16.38 5.23
N TRP A 62 -22.73 -15.24 5.93
CA TRP A 62 -23.02 -13.94 5.34
C TRP A 62 -22.23 -12.82 5.99
N PHE A 63 -22.24 -11.65 5.36
CA PHE A 63 -21.63 -10.42 5.88
C PHE A 63 -22.54 -9.28 5.47
N GLU A 64 -22.59 -8.24 6.30
CA GLU A 64 -23.40 -7.07 6.00
C GLU A 64 -22.54 -5.86 5.72
N VAL A 65 -22.95 -5.09 4.71
CA VAL A 65 -22.28 -3.86 4.25
C VAL A 65 -23.34 -2.77 4.05
N GLU A 66 -22.91 -1.50 4.08
CA GLU A 66 -23.80 -0.36 3.88
C GLU A 66 -23.30 0.45 2.68
N ALA A 67 -24.17 0.61 1.66
CA ALA A 67 -23.88 1.37 0.45
C ALA A 67 -24.63 2.69 0.51
N TRP A 68 -23.87 3.80 0.48
CA TRP A 68 -24.41 5.16 0.59
C TRP A 68 -24.64 5.85 -0.77
N GLU A 69 -24.92 7.17 -0.78
CA GLU A 69 -25.28 7.94 -2.00
C GLU A 69 -24.37 7.83 -3.22
N GLU A 70 -23.03 7.88 -3.04
CA GLU A 70 -22.10 7.76 -4.17
C GLU A 70 -22.20 6.40 -4.83
N ALA A 71 -22.22 5.32 -4.02
CA ALA A 71 -22.33 3.95 -4.49
C ALA A 71 -23.69 3.70 -5.15
N LEU A 72 -24.77 4.25 -4.59
CA LEU A 72 -26.12 4.10 -5.15
C LEU A 72 -26.27 4.78 -6.51
N ARG A 73 -25.80 6.04 -6.61
CA ARG A 73 -25.87 6.88 -7.80
C ARG A 73 -25.04 6.35 -8.99
N LEU A 74 -23.81 5.89 -8.72
CA LEU A 74 -22.89 5.45 -9.77
C LEU A 74 -22.84 3.97 -10.08
N THR A 75 -23.17 3.10 -9.11
CA THR A 75 -23.04 1.65 -9.30
C THR A 75 -24.35 0.92 -9.57
N THR A 76 -24.23 -0.38 -9.92
CA THR A 76 -25.35 -1.29 -10.17
C THR A 76 -26.15 -1.60 -8.88
N ILE A 77 -25.59 -1.26 -7.68
CA ILE A 77 -26.23 -1.46 -6.35
C ILE A 77 -27.65 -0.86 -6.31
N SER A 78 -27.90 0.21 -7.09
CA SER A 78 -29.22 0.85 -7.20
C SER A 78 -30.31 -0.14 -7.64
N SER A 79 -29.94 -1.16 -8.43
CA SER A 79 -30.87 -2.17 -8.94
C SER A 79 -30.81 -3.52 -8.17
N TRP A 80 -29.86 -3.68 -7.22
CA TRP A 80 -29.71 -4.94 -6.47
C TRP A 80 -30.92 -5.32 -5.62
N GLN A 81 -31.39 -6.56 -5.79
CA GLN A 81 -32.51 -7.14 -5.06
C GLN A 81 -32.09 -8.52 -4.56
N SER A 82 -32.88 -9.10 -3.62
CA SER A 82 -32.62 -10.44 -3.10
C SER A 82 -32.53 -11.45 -4.25
N GLY A 83 -31.47 -12.27 -4.24
CA GLY A 83 -31.22 -13.27 -5.27
C GLY A 83 -30.14 -12.90 -6.26
N ARG A 84 -29.76 -11.61 -6.31
CA ARG A 84 -28.72 -11.10 -7.22
C ARG A 84 -27.37 -11.73 -6.90
N LYS A 85 -26.75 -12.37 -7.90
CA LYS A 85 -25.42 -12.98 -7.76
C LYS A 85 -24.41 -11.89 -8.03
N ILE A 86 -23.42 -11.75 -7.13
CA ILE A 86 -22.38 -10.72 -7.24
C ILE A 86 -20.98 -11.28 -7.08
N ASN A 87 -20.01 -10.65 -7.74
CA ASN A 87 -18.61 -11.04 -7.65
C ASN A 87 -18.03 -10.56 -6.32
N LEU A 88 -17.24 -11.42 -5.67
CA LEU A 88 -16.60 -11.09 -4.40
C LEU A 88 -15.10 -11.23 -4.46
N GLU A 89 -14.40 -10.31 -3.77
CA GLU A 89 -12.96 -10.32 -3.65
C GLU A 89 -12.55 -9.71 -2.31
N ARG A 90 -11.62 -10.38 -1.63
CA ARG A 90 -11.08 -9.93 -0.35
C ARG A 90 -9.93 -8.96 -0.63
N SER A 91 -9.63 -8.08 0.36
CA SER A 91 -8.55 -7.11 0.27
C SER A 91 -7.20 -7.80 0.11
N LEU A 92 -6.27 -7.14 -0.59
CA LEU A 92 -4.92 -7.64 -0.80
C LEU A 92 -4.20 -7.66 0.56
N LYS A 93 -3.50 -8.76 0.86
CA LYS A 93 -2.76 -8.92 2.12
C LYS A 93 -1.31 -8.51 1.90
N LEU A 94 -0.70 -7.81 2.89
CA LEU A 94 0.70 -7.39 2.79
C LEU A 94 1.59 -8.63 2.68
N GLY A 95 2.33 -8.71 1.57
CA GLY A 95 3.17 -9.85 1.25
C GLY A 95 2.77 -10.46 -0.07
N ASP A 96 1.47 -10.37 -0.43
CA ASP A 96 0.96 -10.89 -1.70
C ASP A 96 1.37 -9.96 -2.84
N GLU A 97 1.57 -10.53 -4.04
CA GLU A 97 1.96 -9.77 -5.24
C GLU A 97 0.81 -8.90 -5.73
N MET A 98 1.14 -7.72 -6.29
CA MET A 98 0.16 -6.77 -6.81
C MET A 98 -0.36 -7.14 -8.20
N GLY A 99 0.42 -7.93 -8.93
CA GLY A 99 0.07 -8.40 -10.27
C GLY A 99 0.09 -7.31 -11.33
N GLY A 100 -0.61 -7.56 -12.43
CA GLY A 100 -0.69 -6.65 -13.57
C GLY A 100 -1.77 -5.61 -13.49
N HIS A 101 -2.71 -5.73 -12.53
CA HIS A 101 -3.81 -4.76 -12.39
C HIS A 101 -4.34 -4.57 -10.98
N LEU A 102 -4.06 -3.40 -10.39
CA LEU A 102 -4.56 -3.05 -9.08
C LEU A 102 -5.98 -2.52 -9.23
N VAL A 103 -6.88 -2.96 -8.33
CA VAL A 103 -8.29 -2.58 -8.32
C VAL A 103 -8.60 -1.98 -6.95
N PHE A 104 -9.15 -0.76 -6.91
CA PHE A 104 -9.43 -0.10 -5.64
C PHE A 104 -10.90 -0.15 -5.20
N GLY A 105 -11.77 -0.56 -6.10
CA GLY A 105 -13.19 -0.66 -5.83
C GLY A 105 -13.91 0.67 -5.89
N HIS A 106 -13.31 1.67 -6.57
CA HIS A 106 -13.87 3.01 -6.74
C HIS A 106 -14.45 3.06 -8.14
N VAL A 107 -15.72 2.65 -8.29
CA VAL A 107 -16.33 2.62 -9.62
C VAL A 107 -16.73 4.00 -10.14
N ASP A 108 -16.43 4.26 -11.42
CA ASP A 108 -16.70 5.52 -12.11
C ASP A 108 -18.15 5.65 -12.50
N GLY A 109 -18.75 4.53 -12.87
CA GLY A 109 -20.13 4.47 -13.31
C GLY A 109 -20.51 3.10 -13.83
N GLN A 110 -21.53 3.07 -14.68
CA GLN A 110 -22.01 1.81 -15.23
C GLN A 110 -21.80 1.72 -16.73
N ALA A 111 -21.15 0.64 -17.17
CA ALA A 111 -20.95 0.37 -18.58
C ALA A 111 -22.11 -0.56 -18.99
N GLU A 112 -22.52 -0.52 -20.26
CA GLU A 112 -23.61 -1.37 -20.73
C GLU A 112 -23.11 -2.36 -21.74
N ILE A 113 -23.47 -3.64 -21.57
CA ILE A 113 -23.13 -4.70 -22.52
C ILE A 113 -24.12 -4.51 -23.68
N VAL A 114 -23.60 -4.32 -24.89
CA VAL A 114 -24.42 -4.13 -26.09
C VAL A 114 -24.48 -5.37 -26.98
N GLU A 115 -23.49 -6.26 -26.83
CA GLU A 115 -23.37 -7.49 -27.61
C GLU A 115 -22.63 -8.58 -26.83
N ARG A 116 -23.07 -9.83 -26.99
CA ARG A 116 -22.49 -11.03 -26.40
C ARG A 116 -22.33 -12.04 -27.53
N LYS A 117 -21.07 -12.47 -27.81
CA LYS A 117 -20.76 -13.42 -28.88
C LYS A 117 -19.84 -14.53 -28.37
N ASP A 118 -20.22 -15.80 -28.63
CA ASP A 118 -19.45 -16.97 -28.25
C ASP A 118 -18.26 -17.16 -29.20
N GLU A 119 -17.07 -17.43 -28.64
CA GLU A 119 -15.84 -17.67 -29.38
C GLU A 119 -15.15 -18.91 -28.78
N GLY A 120 -15.67 -20.08 -29.13
CA GLY A 120 -15.20 -21.37 -28.62
C GLY A 120 -15.76 -21.60 -27.24
N ASP A 121 -14.87 -21.74 -26.23
CA ASP A 121 -15.26 -21.90 -24.83
C ASP A 121 -15.17 -20.55 -24.11
N ALA A 122 -14.74 -19.51 -24.85
CA ALA A 122 -14.62 -18.12 -24.39
C ALA A 122 -15.76 -17.27 -24.96
N VAL A 123 -16.10 -16.16 -24.28
CA VAL A 123 -17.19 -15.27 -24.70
C VAL A 123 -16.68 -13.82 -24.82
N ARG A 124 -16.92 -13.19 -25.99
CA ARG A 124 -16.53 -11.82 -26.26
C ARG A 124 -17.72 -10.90 -25.93
N PHE A 125 -17.48 -9.92 -25.06
CA PHE A 125 -18.51 -8.96 -24.67
C PHE A 125 -18.17 -7.59 -25.23
N THR A 126 -19.12 -6.99 -25.97
CA THR A 126 -18.97 -5.64 -26.49
C THR A 126 -19.74 -4.74 -25.54
N LEU A 127 -19.07 -3.69 -25.06
CA LEU A 127 -19.64 -2.77 -24.08
C LEU A 127 -19.56 -1.32 -24.53
N ARG A 128 -20.43 -0.49 -23.96
CA ARG A 128 -20.44 0.96 -24.15
C ARG A 128 -20.27 1.58 -22.78
N ALA A 129 -19.35 2.52 -22.68
CA ALA A 129 -19.04 3.16 -21.41
C ALA A 129 -19.49 4.63 -21.42
N PRO A 130 -19.75 5.27 -20.24
CA PRO A 130 -20.09 6.71 -20.25
C PRO A 130 -19.04 7.52 -21.01
N GLU A 131 -19.50 8.49 -21.82
CA GLU A 131 -18.67 9.37 -22.66
C GLU A 131 -17.38 9.91 -22.02
N GLU A 132 -17.45 10.30 -20.74
CA GLU A 132 -16.34 10.85 -19.95
C GLU A 132 -15.20 9.84 -19.76
N LEU A 133 -15.52 8.53 -19.81
CA LEU A 133 -14.57 7.44 -19.63
C LEU A 133 -13.84 7.03 -20.92
N ALA A 134 -14.37 7.45 -22.10
CA ALA A 134 -13.78 7.14 -23.42
C ALA A 134 -12.27 7.43 -23.54
N PRO A 135 -11.69 8.58 -23.09
CA PRO A 135 -10.22 8.77 -23.20
C PRO A 135 -9.40 7.79 -22.36
N PHE A 136 -9.97 7.24 -21.27
CA PHE A 136 -9.30 6.26 -20.41
C PHE A 136 -9.26 4.91 -21.10
N ILE A 137 -10.33 4.58 -21.84
CA ILE A 137 -10.41 3.41 -22.72
C ILE A 137 -9.62 3.89 -23.97
N ALA A 138 -9.42 3.08 -25.02
CA ALA A 138 -8.61 3.44 -26.20
C ALA A 138 -7.11 3.40 -25.88
N GLN A 139 -6.76 3.54 -24.58
CA GLN A 139 -5.39 3.42 -24.05
C GLN A 139 -5.10 1.92 -23.99
N LYS A 140 -6.17 1.09 -24.05
CA LYS A 140 -6.21 -0.37 -24.13
C LYS A 140 -5.49 -1.14 -23.01
N GLY A 141 -5.47 -0.57 -21.82
CA GLY A 141 -4.88 -1.22 -20.66
C GLY A 141 -5.85 -2.18 -20.02
N SER A 142 -5.78 -2.33 -18.70
CA SER A 142 -6.68 -3.20 -17.96
C SER A 142 -7.78 -2.37 -17.31
N VAL A 143 -8.99 -2.96 -17.25
CA VAL A 143 -10.16 -2.33 -16.66
C VAL A 143 -10.82 -3.32 -15.69
N ALA A 144 -11.49 -2.79 -14.66
CA ALA A 144 -12.21 -3.65 -13.72
C ALA A 144 -13.70 -3.54 -14.03
N LEU A 145 -14.28 -4.62 -14.59
CA LEU A 145 -15.70 -4.68 -14.93
C LEU A 145 -16.38 -5.65 -13.98
N ASP A 146 -17.29 -5.14 -13.13
CA ASP A 146 -17.97 -5.91 -12.06
C ASP A 146 -16.91 -6.54 -11.12
N GLY A 147 -15.84 -5.78 -10.90
CA GLY A 147 -14.72 -6.17 -10.06
C GLY A 147 -13.73 -7.12 -10.68
N THR A 148 -14.01 -7.60 -11.91
CA THR A 148 -13.18 -8.54 -12.64
C THR A 148 -12.13 -7.79 -13.46
N SER A 149 -10.84 -8.10 -13.24
CA SER A 149 -9.75 -7.50 -14.01
C SER A 149 -9.79 -8.06 -15.42
N LEU A 150 -9.95 -7.17 -16.41
CA LEU A 150 -10.07 -7.55 -17.82
C LEU A 150 -9.25 -6.66 -18.74
N THR A 151 -8.72 -7.23 -19.82
CA THR A 151 -7.93 -6.51 -20.82
C THR A 151 -8.85 -5.91 -21.87
N VAL A 152 -8.71 -4.60 -22.12
CA VAL A 152 -9.47 -3.89 -23.14
C VAL A 152 -8.84 -4.27 -24.50
N ASN A 153 -9.62 -4.93 -25.36
CA ASN A 153 -9.12 -5.35 -26.67
C ASN A 153 -9.39 -4.30 -27.76
N GLY A 154 -10.51 -4.42 -28.47
CA GLY A 154 -10.90 -3.48 -29.52
C GLY A 154 -11.61 -2.27 -28.96
N VAL A 155 -11.39 -1.09 -29.58
CA VAL A 155 -12.00 0.19 -29.15
C VAL A 155 -12.50 0.99 -30.37
N ASN A 156 -13.71 1.58 -30.24
CA ASN A 156 -14.33 2.48 -31.20
C ASN A 156 -15.08 3.52 -30.36
N ALA A 157 -14.40 4.67 -30.10
CA ALA A 157 -14.87 5.79 -29.26
C ALA A 157 -15.19 5.29 -27.83
N ASN A 158 -16.47 5.31 -27.41
CA ASN A 158 -16.89 4.84 -26.07
C ASN A 158 -17.24 3.34 -26.07
N GLU A 159 -17.18 2.68 -27.25
CA GLU A 159 -17.46 1.25 -27.38
C GLU A 159 -16.17 0.45 -27.30
N PHE A 160 -16.19 -0.65 -26.53
CA PHE A 160 -15.02 -1.51 -26.35
C PHE A 160 -15.39 -2.98 -26.14
N ASP A 161 -14.44 -3.88 -26.42
CA ASP A 161 -14.66 -5.30 -26.23
C ASP A 161 -13.66 -5.96 -25.30
N VAL A 162 -14.13 -6.99 -24.57
CA VAL A 162 -13.34 -7.79 -23.64
C VAL A 162 -13.58 -9.26 -23.95
N LEU A 163 -12.55 -10.10 -23.78
CA LEU A 163 -12.68 -11.54 -24.00
C LEU A 163 -12.67 -12.26 -22.67
N LEU A 164 -13.79 -12.91 -22.32
CA LEU A 164 -13.92 -13.65 -21.08
C LEU A 164 -13.60 -15.12 -21.34
N ILE A 165 -12.48 -15.61 -20.77
CA ILE A 165 -12.03 -17.00 -20.92
C ILE A 165 -12.93 -17.95 -20.12
N ARG A 166 -12.92 -19.26 -20.49
CA ARG A 166 -13.72 -20.32 -19.86
C ARG A 166 -13.70 -20.31 -18.33
N HIS A 167 -12.50 -20.18 -17.73
CA HIS A 167 -12.33 -20.12 -16.26
C HIS A 167 -13.04 -18.92 -15.64
N SER A 168 -12.86 -17.71 -16.23
CA SER A 168 -13.47 -16.47 -15.76
C SER A 168 -14.99 -16.51 -15.80
N LEU A 169 -15.58 -17.13 -16.85
CA LEU A 169 -17.03 -17.28 -16.99
C LEU A 169 -17.59 -18.21 -15.92
N GLU A 170 -16.83 -19.26 -15.56
CA GLU A 170 -17.19 -20.26 -14.57
C GLU A 170 -17.16 -19.75 -13.12
N VAL A 171 -16.08 -19.02 -12.75
CA VAL A 171 -15.87 -18.54 -11.38
C VAL A 171 -16.39 -17.12 -11.05
N THR A 172 -16.95 -16.41 -12.04
CA THR A 172 -17.52 -15.07 -11.85
C THR A 172 -18.96 -15.01 -12.36
N THR A 173 -19.64 -13.86 -12.15
CA THR A 173 -21.01 -13.62 -12.62
C THR A 173 -21.06 -13.37 -14.13
N TRP A 174 -19.89 -13.34 -14.80
CA TRP A 174 -19.76 -13.13 -16.25
C TRP A 174 -20.39 -14.25 -17.10
N GLY A 175 -20.52 -15.44 -16.51
CA GLY A 175 -21.15 -16.59 -17.15
C GLY A 175 -22.63 -16.39 -17.43
N GLU A 176 -23.31 -15.56 -16.61
CA GLU A 176 -24.73 -15.26 -16.77
C GLU A 176 -25.03 -13.87 -17.37
N ARG A 177 -23.97 -13.11 -17.71
CA ARG A 177 -24.12 -11.78 -18.32
C ARG A 177 -24.65 -11.88 -19.75
N LYS A 178 -25.53 -10.94 -20.12
CA LYS A 178 -26.17 -10.89 -21.42
C LYS A 178 -26.27 -9.44 -21.92
N ALA A 179 -26.59 -9.25 -23.22
CA ALA A 179 -26.77 -7.93 -23.83
C ALA A 179 -27.86 -7.15 -23.09
N GLY A 180 -27.59 -5.89 -22.81
CA GLY A 180 -28.49 -5.01 -22.09
C GLY A 180 -28.14 -4.82 -20.63
N ASP A 181 -27.35 -5.76 -20.06
CA ASP A 181 -26.93 -5.72 -18.66
C ASP A 181 -25.98 -4.57 -18.37
N LYS A 182 -26.13 -3.99 -17.18
CA LYS A 182 -25.27 -2.91 -16.71
C LYS A 182 -24.21 -3.52 -15.80
N VAL A 183 -22.94 -3.12 -15.99
CA VAL A 183 -21.81 -3.60 -15.20
C VAL A 183 -21.07 -2.42 -14.58
N ASN A 184 -20.43 -2.63 -13.43
CA ASN A 184 -19.64 -1.59 -12.79
C ASN A 184 -18.31 -1.45 -13.49
N ILE A 185 -17.90 -0.22 -13.80
CA ILE A 185 -16.63 0.06 -14.47
C ILE A 185 -15.70 0.89 -13.61
N GLU A 186 -14.46 0.40 -13.44
CA GLU A 186 -13.42 1.10 -12.71
C GLU A 186 -12.20 1.23 -13.60
N ILE A 187 -11.85 2.48 -13.90
CA ILE A 187 -10.70 2.85 -14.70
C ILE A 187 -9.43 2.63 -13.87
N ASP A 188 -8.30 2.27 -14.53
CA ASP A 188 -7.01 2.03 -13.88
C ASP A 188 -6.59 3.25 -13.06
N GLN A 189 -6.29 3.02 -11.77
CA GLN A 189 -5.89 4.05 -10.80
C GLN A 189 -4.70 4.89 -11.26
N LEU A 190 -3.66 4.25 -11.82
CA LEU A 190 -2.47 4.94 -12.31
C LEU A 190 -2.81 5.83 -13.52
N ALA A 191 -3.75 5.37 -14.37
CA ALA A 191 -4.23 6.12 -15.53
C ALA A 191 -5.01 7.37 -15.09
N ARG A 192 -5.73 7.29 -13.94
CA ARG A 192 -6.50 8.41 -13.36
C ARG A 192 -5.53 9.53 -12.99
N TYR A 193 -4.45 9.18 -12.27
CA TYR A 193 -3.44 10.12 -11.81
C TYR A 193 -2.68 10.75 -12.98
N ALA A 194 -2.33 9.94 -13.99
CA ALA A 194 -1.64 10.40 -15.20
C ALA A 194 -2.48 11.45 -15.95
N ALA A 195 -3.81 11.22 -16.07
CA ALA A 195 -4.73 12.14 -16.75
C ALA A 195 -4.93 13.43 -15.95
N ARG A 196 -4.98 13.32 -14.60
CA ARG A 196 -5.13 14.48 -13.71
C ARG A 196 -3.87 15.35 -13.77
N LEU A 197 -2.68 14.72 -13.79
CA LEU A 197 -1.38 15.39 -13.89
C LEU A 197 -1.29 16.17 -15.21
N ALA A 198 -1.80 15.57 -16.31
CA ALA A 198 -1.83 16.14 -17.67
C ALA A 198 -2.63 17.44 -17.78
N GLN A 199 -3.61 17.67 -16.88
CA GLN A 199 -4.44 18.88 -16.84
C GLN A 199 -3.62 20.12 -16.48
N TYR A 200 -2.57 19.95 -15.66
CA TYR A 200 -1.68 21.01 -15.20
C TYR A 200 -0.46 21.16 -16.10
N MET B 1 4.48 0.97 7.60
CA MET B 1 3.46 1.11 6.55
C MET B 1 2.07 1.01 7.13
N PHE B 2 1.11 1.74 6.55
CA PHE B 2 -0.30 1.76 6.98
C PHE B 2 -1.22 1.58 5.78
N THR B 3 -2.53 1.43 6.03
CA THR B 3 -3.52 1.27 4.97
C THR B 3 -4.64 2.30 5.00
N GLY B 4 -4.66 3.13 6.02
CA GLY B 4 -5.69 4.16 6.17
C GLY B 4 -6.98 3.66 6.78
N ILE B 5 -6.93 2.47 7.43
CA ILE B 5 -8.07 1.88 8.12
C ILE B 5 -7.88 2.11 9.61
N ILE B 6 -8.58 3.14 10.13
CA ILE B 6 -8.52 3.57 11.53
C ILE B 6 -9.13 2.50 12.44
N THR B 7 -8.37 2.10 13.47
CA THR B 7 -8.78 1.05 14.41
C THR B 7 -9.06 1.54 15.83
N ASP B 8 -8.82 2.84 16.12
CA ASP B 8 -9.07 3.43 17.43
C ASP B 8 -9.12 4.95 17.38
N ILE B 9 -9.89 5.55 18.31
CA ILE B 9 -9.95 6.99 18.50
C ILE B 9 -9.17 7.26 19.80
N GLY B 10 -7.95 7.76 19.64
CA GLY B 10 -7.08 8.09 20.75
C GLY B 10 -7.43 9.44 21.35
N LYS B 11 -6.98 9.69 22.58
CA LYS B 11 -7.23 10.95 23.25
C LYS B 11 -5.92 11.51 23.82
N VAL B 12 -5.58 12.74 23.42
CA VAL B 12 -4.35 13.41 23.86
C VAL B 12 -4.51 13.75 25.36
N ASP B 13 -3.73 13.07 26.22
CA ASP B 13 -3.73 13.25 27.67
C ASP B 13 -2.82 14.39 28.11
N ARG B 14 -1.58 14.43 27.58
CA ARG B 14 -0.56 15.42 27.93
C ARG B 14 0.12 15.99 26.69
N VAL B 15 0.37 17.31 26.71
CA VAL B 15 1.11 18.03 25.66
C VAL B 15 2.29 18.69 26.38
N LYS B 16 3.51 18.22 26.13
CA LYS B 16 4.71 18.76 26.77
C LYS B 16 5.69 19.35 25.75
N PRO B 17 6.00 20.67 25.83
CA PRO B 17 6.96 21.25 24.88
C PRO B 17 8.40 20.83 25.18
N LEU B 18 9.16 20.55 24.11
CA LEU B 18 10.57 20.14 24.15
C LEU B 18 11.39 21.11 23.27
N ASN B 19 12.70 20.84 23.08
CA ASN B 19 13.57 21.65 22.23
C ASN B 19 13.26 21.35 20.76
N GLU B 20 12.46 22.26 20.13
CA GLU B 20 11.97 22.17 18.75
C GLU B 20 11.12 20.91 18.50
N GLY B 21 10.33 20.53 19.51
CA GLY B 21 9.46 19.36 19.48
C GLY B 21 8.42 19.34 20.58
N VAL B 22 7.48 18.38 20.52
CA VAL B 22 6.41 18.20 21.52
C VAL B 22 6.26 16.73 21.93
N LEU B 23 6.14 16.47 23.23
CA LEU B 23 5.91 15.13 23.77
C LEU B 23 4.40 14.98 23.97
N LEU B 24 3.82 13.96 23.33
CA LEU B 24 2.38 13.69 23.40
C LEU B 24 2.09 12.37 24.07
N ARG B 25 1.19 12.36 25.07
CA ARG B 25 0.74 11.14 25.72
C ARG B 25 -0.67 10.89 25.20
N ILE B 26 -0.88 9.74 24.55
CA ILE B 26 -2.18 9.41 23.96
C ILE B 26 -2.81 8.23 24.67
N GLU B 27 -4.04 8.44 25.20
CA GLU B 27 -4.82 7.39 25.84
C GLU B 27 -5.42 6.56 24.70
N THR B 28 -5.30 5.24 24.77
CA THR B 28 -5.77 4.34 23.70
C THR B 28 -6.51 3.11 24.21
N ALA B 29 -7.28 2.46 23.32
CA ALA B 29 -7.97 1.21 23.61
C ALA B 29 -7.05 0.03 23.23
N TYR B 30 -5.92 0.31 22.52
CA TYR B 30 -4.93 -0.71 22.13
C TYR B 30 -4.34 -1.38 23.34
N ASP B 31 -4.07 -2.69 23.24
CA ASP B 31 -3.48 -3.49 24.31
C ASP B 31 -2.00 -3.08 24.47
N PRO B 32 -1.56 -2.66 25.68
CA PRO B 32 -0.15 -2.26 25.86
C PRO B 32 0.85 -3.40 25.62
N GLU B 33 0.40 -4.66 25.76
CA GLU B 33 1.21 -5.87 25.52
C GLU B 33 1.52 -6.05 24.02
N THR B 34 0.77 -5.37 23.13
CA THR B 34 0.98 -5.42 21.67
C THR B 34 1.91 -4.30 21.19
N ILE B 35 2.21 -3.33 22.07
CA ILE B 35 3.08 -2.18 21.75
C ILE B 35 4.42 -2.29 22.46
N GLU B 36 5.51 -2.11 21.69
CA GLU B 36 6.88 -2.11 22.18
C GLU B 36 7.49 -0.75 21.85
N LEU B 37 8.57 -0.34 22.54
CA LEU B 37 9.24 0.94 22.24
C LEU B 37 9.84 0.88 20.85
N GLY B 38 9.64 1.93 20.07
CA GLY B 38 10.12 1.99 18.70
C GLY B 38 9.04 1.70 17.68
N ALA B 39 7.83 1.28 18.15
CA ALA B 39 6.69 0.99 17.29
C ALA B 39 6.18 2.25 16.61
N SER B 40 5.71 2.11 15.37
CA SER B 40 5.19 3.23 14.59
C SER B 40 3.66 3.17 14.61
N ILE B 41 3.01 4.24 15.05
CA ILE B 41 1.56 4.36 15.11
C ILE B 41 1.17 5.64 14.37
N ALA B 42 0.20 5.55 13.44
CA ALA B 42 -0.28 6.71 12.69
C ALA B 42 -1.26 7.46 13.58
N CYS B 43 -0.94 8.72 13.91
CA CYS B 43 -1.76 9.56 14.76
C CYS B 43 -2.36 10.65 13.88
N SER B 44 -3.64 10.46 13.50
CA SER B 44 -4.39 11.29 12.55
C SER B 44 -3.60 11.44 11.23
N GLY B 45 -3.04 10.32 10.79
CA GLY B 45 -2.26 10.23 9.57
C GLY B 45 -0.77 10.46 9.69
N VAL B 46 -0.31 10.89 10.88
CA VAL B 46 1.11 11.18 11.12
C VAL B 46 1.82 9.98 11.73
N CYS B 47 2.82 9.43 11.02
CA CYS B 47 3.62 8.32 11.52
C CYS B 47 4.54 8.85 12.62
N LEU B 48 4.34 8.35 13.84
CA LEU B 48 5.08 8.74 15.04
C LEU B 48 5.60 7.48 15.77
N THR B 49 6.83 7.57 16.31
CA THR B 49 7.49 6.46 17.03
C THR B 49 7.18 6.50 18.53
N VAL B 50 6.84 5.33 19.10
CA VAL B 50 6.56 5.17 20.53
C VAL B 50 7.87 5.31 21.31
N VAL B 51 7.92 6.29 22.22
CA VAL B 51 9.10 6.60 23.05
C VAL B 51 8.96 6.14 24.50
N ALA B 52 7.71 6.07 25.00
CA ALA B 52 7.39 5.63 26.36
C ALA B 52 6.06 4.90 26.44
N LEU B 53 6.00 3.90 27.33
CA LEU B 53 4.82 3.06 27.56
C LEU B 53 4.62 2.87 29.07
N PRO B 54 3.42 2.43 29.57
CA PRO B 54 3.28 2.19 31.01
C PRO B 54 4.16 1.04 31.49
N GLU B 55 4.42 0.98 32.82
CA GLU B 55 5.25 -0.03 33.48
C GLU B 55 4.92 -1.47 33.08
N LYS B 56 5.91 -2.38 33.16
CA LYS B 56 5.76 -3.80 32.81
C LYS B 56 4.73 -4.44 33.76
N GLY B 57 3.59 -4.84 33.19
CA GLY B 57 2.49 -5.45 33.93
C GLY B 57 1.38 -4.51 34.34
N SER B 58 1.49 -3.20 33.97
CA SER B 58 0.49 -2.18 34.28
C SER B 58 -0.75 -2.34 33.40
N ASN B 59 -1.92 -1.92 33.93
CA ASN B 59 -3.20 -1.99 33.22
C ASN B 59 -3.52 -0.70 32.46
N ALA B 60 -2.73 0.38 32.72
CA ALA B 60 -2.87 1.69 32.08
C ALA B 60 -2.72 1.56 30.57
N ARG B 61 -3.57 2.23 29.80
CA ARG B 61 -3.56 2.13 28.34
C ARG B 61 -3.25 3.46 27.66
N TRP B 62 -1.94 3.75 27.56
CA TRP B 62 -1.41 4.95 26.91
C TRP B 62 -0.06 4.67 26.25
N PHE B 63 0.35 5.55 25.35
CA PHE B 63 1.65 5.51 24.69
C PHE B 63 2.11 6.93 24.45
N GLU B 64 3.43 7.14 24.48
CA GLU B 64 4.00 8.47 24.26
C GLU B 64 4.76 8.55 22.97
N VAL B 65 4.58 9.65 22.25
CA VAL B 65 5.25 9.94 20.97
C VAL B 65 5.83 11.36 21.01
N GLU B 66 6.85 11.61 20.18
CA GLU B 66 7.48 12.92 20.08
C GLU B 66 7.34 13.43 18.66
N ALA B 67 6.71 14.59 18.48
CA ALA B 67 6.54 15.22 17.18
C ALA B 67 7.57 16.34 17.08
N TRP B 68 8.47 16.25 16.09
CA TRP B 68 9.55 17.21 15.88
C TRP B 68 9.20 18.32 14.88
N GLU B 69 10.22 19.11 14.44
CA GLU B 69 10.09 20.26 13.54
C GLU B 69 9.21 20.05 12.30
N GLU B 70 9.50 19.01 11.47
CA GLU B 70 8.76 18.71 10.25
C GLU B 70 7.27 18.42 10.52
N ALA B 71 6.99 17.54 11.52
CA ALA B 71 5.64 17.17 11.92
C ALA B 71 4.85 18.38 12.44
N LEU B 72 5.44 19.18 13.35
CA LEU B 72 4.82 20.38 13.90
C LEU B 72 4.47 21.45 12.85
N ARG B 73 5.30 21.57 11.80
CA ARG B 73 5.14 22.54 10.73
C ARG B 73 4.09 22.13 9.68
N LEU B 74 4.21 20.91 9.11
CA LEU B 74 3.31 20.41 8.07
C LEU B 74 1.96 19.90 8.53
N THR B 75 1.88 19.35 9.76
CA THR B 75 0.67 18.72 10.29
C THR B 75 -0.17 19.59 11.24
N THR B 76 -1.32 19.05 11.68
CA THR B 76 -2.24 19.71 12.61
C THR B 76 -1.75 19.62 14.07
N ILE B 77 -0.71 18.78 14.35
CA ILE B 77 -0.13 18.53 15.69
C ILE B 77 0.15 19.81 16.50
N SER B 78 0.63 20.89 15.85
CA SER B 78 0.92 22.18 16.48
C SER B 78 -0.28 22.76 17.26
N SER B 79 -1.52 22.42 16.82
CA SER B 79 -2.77 22.87 17.43
C SER B 79 -3.34 21.89 18.47
N TRP B 80 -2.76 20.67 18.58
CA TRP B 80 -3.23 19.64 19.50
C TRP B 80 -3.05 20.01 20.96
N GLN B 81 -4.17 20.03 21.70
CA GLN B 81 -4.25 20.34 23.13
C GLN B 81 -4.75 19.10 23.87
N SER B 82 -4.68 19.12 25.22
CA SER B 82 -5.16 18.02 26.07
C SER B 82 -6.68 17.87 25.88
N GLY B 83 -7.12 16.64 25.61
CA GLY B 83 -8.52 16.32 25.38
C GLY B 83 -8.89 16.08 23.93
N ARG B 84 -7.99 16.46 23.00
CA ARG B 84 -8.15 16.29 21.55
C ARG B 84 -8.24 14.81 21.15
N LYS B 85 -9.29 14.46 20.40
CA LYS B 85 -9.51 13.11 19.90
C LYS B 85 -8.78 12.97 18.57
N ILE B 86 -8.03 11.86 18.41
CA ILE B 86 -7.23 11.62 17.20
C ILE B 86 -7.45 10.22 16.63
N ASN B 87 -7.30 10.07 15.31
CA ASN B 87 -7.42 8.76 14.66
C ASN B 87 -6.14 7.98 14.88
N LEU B 88 -6.26 6.69 15.18
CA LEU B 88 -5.11 5.82 15.39
C LEU B 88 -5.11 4.62 14.47
N GLU B 89 -3.92 4.24 14.00
CA GLU B 89 -3.72 3.07 13.16
C GLU B 89 -2.38 2.42 13.46
N ARG B 90 -2.39 1.10 13.61
CA ARG B 90 -1.17 0.33 13.86
C ARG B 90 -0.48 0.09 12.53
N SER B 91 0.84 -0.09 12.57
CA SER B 91 1.64 -0.41 11.39
C SER B 91 1.23 -1.80 10.88
N LEU B 92 1.20 -1.96 9.56
CA LEU B 92 0.85 -3.24 8.93
C LEU B 92 1.88 -4.31 9.25
N LYS B 93 1.40 -5.51 9.58
CA LYS B 93 2.23 -6.68 9.83
C LYS B 93 2.17 -7.56 8.58
N LEU B 94 3.12 -8.49 8.40
CA LEU B 94 3.09 -9.39 7.25
C LEU B 94 1.80 -10.24 7.30
N GLY B 95 1.04 -10.22 6.22
CA GLY B 95 -0.21 -10.95 6.10
C GLY B 95 -1.47 -10.16 6.43
N ASP B 96 -1.31 -8.91 6.94
CA ASP B 96 -2.44 -8.04 7.28
C ASP B 96 -3.13 -7.56 6.02
N GLU B 97 -4.48 -7.47 6.08
CA GLU B 97 -5.28 -7.00 4.94
C GLU B 97 -5.06 -5.50 4.75
N MET B 98 -4.90 -5.09 3.49
CA MET B 98 -4.72 -3.69 3.16
C MET B 98 -6.07 -3.18 2.61
N GLY B 99 -6.97 -2.90 3.56
CA GLY B 99 -8.34 -2.46 3.31
C GLY B 99 -8.50 -1.16 2.53
N GLY B 100 -7.54 -0.24 2.70
CA GLY B 100 -7.56 1.03 1.99
C GLY B 100 -6.54 1.00 0.87
N HIS B 101 -5.58 1.94 0.90
CA HIS B 101 -4.50 1.98 -0.09
C HIS B 101 -3.17 1.96 0.67
N LEU B 102 -2.02 2.19 0.00
CA LEU B 102 -0.75 2.22 0.72
C LEU B 102 -0.52 3.61 1.30
N VAL B 103 -0.66 3.73 2.63
CA VAL B 103 -0.51 4.96 3.40
C VAL B 103 0.83 4.87 4.16
N PHE B 104 1.68 5.89 4.02
CA PHE B 104 3.01 5.88 4.65
C PHE B 104 3.11 6.64 5.97
N GLY B 105 2.11 7.47 6.25
CA GLY B 105 2.09 8.29 7.46
C GLY B 105 2.95 9.52 7.33
N HIS B 106 3.34 9.87 6.09
CA HIS B 106 4.15 11.03 5.78
C HIS B 106 3.25 12.10 5.18
N VAL B 107 2.64 12.90 6.07
CA VAL B 107 1.68 13.97 5.75
C VAL B 107 2.33 15.08 4.90
N ASP B 108 1.70 15.39 3.76
CA ASP B 108 2.17 16.41 2.82
C ASP B 108 1.84 17.84 3.22
N GLY B 109 0.80 17.99 4.03
CA GLY B 109 0.35 19.29 4.51
C GLY B 109 -1.01 19.26 5.16
N GLN B 110 -1.71 20.40 5.15
CA GLN B 110 -3.03 20.52 5.74
C GLN B 110 -4.10 20.94 4.75
N ALA B 111 -5.23 20.24 4.78
CA ALA B 111 -6.39 20.53 3.94
C ALA B 111 -7.48 21.12 4.84
N GLU B 112 -8.18 22.15 4.36
CA GLU B 112 -9.24 22.80 5.14
C GLU B 112 -10.62 22.37 4.66
N ILE B 113 -11.51 22.04 5.60
CA ILE B 113 -12.89 21.66 5.29
C ILE B 113 -13.65 22.96 4.98
N VAL B 114 -14.18 23.08 3.76
CA VAL B 114 -14.93 24.26 3.35
C VAL B 114 -16.45 24.06 3.46
N GLU B 115 -16.90 22.79 3.42
CA GLU B 115 -18.31 22.44 3.53
C GLU B 115 -18.51 21.05 4.13
N ARG B 116 -19.52 20.92 4.99
CA ARG B 116 -19.95 19.68 5.63
C ARG B 116 -21.44 19.55 5.31
N LYS B 117 -21.80 18.59 4.43
CA LYS B 117 -23.18 18.38 4.01
C LYS B 117 -23.68 16.98 4.34
N ASP B 118 -24.83 16.91 5.02
CA ASP B 118 -25.47 15.64 5.38
C ASP B 118 -26.04 14.96 4.13
N GLU B 119 -25.74 13.67 3.97
CA GLU B 119 -26.23 12.83 2.87
C GLU B 119 -26.91 11.65 3.55
N GLY B 120 -27.96 11.97 4.30
CA GLY B 120 -28.69 11.00 5.11
C GLY B 120 -27.83 10.68 6.32
N ASP B 121 -27.46 9.39 6.47
CA ASP B 121 -26.58 8.96 7.58
C ASP B 121 -25.09 8.96 7.19
N ALA B 122 -24.80 9.41 5.96
CA ALA B 122 -23.45 9.61 5.44
C ALA B 122 -23.22 11.12 5.38
N VAL B 123 -21.95 11.58 5.37
CA VAL B 123 -21.66 13.01 5.35
C VAL B 123 -20.63 13.36 4.26
N ARG B 124 -21.01 14.29 3.36
CA ARG B 124 -20.12 14.75 2.31
C ARG B 124 -19.28 15.91 2.83
N PHE B 125 -17.95 15.78 2.73
CA PHE B 125 -17.02 16.82 3.14
C PHE B 125 -16.31 17.38 1.93
N THR B 126 -16.40 18.72 1.74
CA THR B 126 -15.72 19.42 0.65
C THR B 126 -14.47 20.05 1.27
N LEU B 127 -13.30 19.80 0.67
CA LEU B 127 -12.03 20.27 1.21
C LEU B 127 -11.20 21.08 0.23
N ARG B 128 -10.39 22.01 0.75
CA ARG B 128 -9.47 22.83 -0.04
C ARG B 128 -8.06 22.40 0.32
N ALA B 129 -7.36 21.80 -0.65
CA ALA B 129 -6.00 21.31 -0.47
C ALA B 129 -4.98 22.38 -0.89
N PRO B 130 -3.72 22.34 -0.37
CA PRO B 130 -2.71 23.31 -0.83
C PRO B 130 -2.49 23.14 -2.33
N GLU B 131 -2.35 24.26 -3.07
CA GLU B 131 -2.18 24.33 -4.52
C GLU B 131 -1.20 23.30 -5.12
N GLU B 132 -0.08 23.06 -4.42
CA GLU B 132 0.99 22.12 -4.81
C GLU B 132 0.51 20.66 -4.81
N LEU B 133 -0.48 20.35 -3.95
CA LEU B 133 -1.05 19.02 -3.78
C LEU B 133 -2.19 18.70 -4.75
N ALA B 134 -2.88 19.73 -5.28
CA ALA B 134 -3.99 19.62 -6.23
C ALA B 134 -3.74 18.71 -7.45
N PRO B 135 -2.57 18.71 -8.15
CA PRO B 135 -2.40 17.81 -9.30
C PRO B 135 -2.31 16.32 -8.95
N PHE B 136 -2.13 15.99 -7.66
CA PHE B 136 -2.03 14.60 -7.17
C PHE B 136 -3.38 14.06 -6.67
N ILE B 137 -4.43 14.90 -6.71
CA ILE B 137 -5.78 14.54 -6.27
C ILE B 137 -6.68 14.37 -7.51
N ALA B 138 -7.02 13.12 -7.83
CA ALA B 138 -7.83 12.76 -9.00
C ALA B 138 -9.19 12.20 -8.63
N GLN B 139 -10.20 12.42 -9.51
CA GLN B 139 -11.56 11.90 -9.34
C GLN B 139 -11.50 10.38 -9.31
N LYS B 140 -12.13 9.78 -8.30
CA LYS B 140 -12.17 8.33 -8.04
C LYS B 140 -10.83 7.71 -7.65
N GLY B 141 -9.88 8.57 -7.31
CA GLY B 141 -8.57 8.18 -6.80
C GLY B 141 -8.65 8.03 -5.29
N SER B 142 -7.49 7.81 -4.65
CA SER B 142 -7.40 7.66 -3.21
C SER B 142 -6.75 8.87 -2.55
N VAL B 143 -7.05 9.08 -1.26
CA VAL B 143 -6.49 10.13 -0.42
C VAL B 143 -6.52 9.67 1.05
N ALA B 144 -5.56 10.13 1.85
CA ALA B 144 -5.52 9.84 3.28
C ALA B 144 -5.72 11.18 3.98
N LEU B 145 -6.92 11.37 4.56
CA LEU B 145 -7.29 12.59 5.28
C LEU B 145 -7.47 12.23 6.74
N ASP B 146 -6.59 12.80 7.62
CA ASP B 146 -6.50 12.47 9.05
C ASP B 146 -6.27 10.96 9.24
N GLY B 147 -5.45 10.41 8.35
CA GLY B 147 -5.07 9.00 8.31
C GLY B 147 -6.13 8.04 7.84
N THR B 148 -7.27 8.57 7.36
CA THR B 148 -8.40 7.78 6.89
C THR B 148 -8.35 7.63 5.37
N SER B 149 -8.31 6.37 4.88
CA SER B 149 -8.31 6.09 3.44
C SER B 149 -9.70 6.41 2.91
N LEU B 150 -9.78 7.30 1.92
CA LEU B 150 -11.05 7.75 1.34
C LEU B 150 -10.99 7.87 -0.17
N THR B 151 -12.15 7.68 -0.83
CA THR B 151 -12.30 7.82 -2.27
C THR B 151 -12.59 9.30 -2.55
N VAL B 152 -11.82 9.90 -3.47
CA VAL B 152 -12.04 11.28 -3.90
C VAL B 152 -13.19 11.18 -4.90
N ASN B 153 -14.26 11.95 -4.70
CA ASN B 153 -15.38 11.92 -5.62
C ASN B 153 -15.23 12.98 -6.70
N GLY B 154 -15.61 14.21 -6.41
CA GLY B 154 -15.46 15.32 -7.34
C GLY B 154 -14.21 16.13 -7.09
N VAL B 155 -13.65 16.74 -8.14
CA VAL B 155 -12.48 17.61 -8.06
C VAL B 155 -12.65 18.85 -8.94
N ASN B 156 -12.37 20.03 -8.36
CA ASN B 156 -12.47 21.32 -9.03
C ASN B 156 -11.32 22.19 -8.52
N ALA B 157 -10.26 22.32 -9.35
CA ALA B 157 -9.01 23.04 -9.06
C ALA B 157 -8.35 22.44 -7.80
N ASN B 158 -8.23 23.21 -6.70
CA ASN B 158 -7.63 22.70 -5.46
C ASN B 158 -8.70 22.23 -4.45
N GLU B 159 -9.98 22.22 -4.89
CA GLU B 159 -11.11 21.77 -4.09
C GLU B 159 -11.53 20.36 -4.52
N PHE B 160 -11.90 19.52 -3.54
CA PHE B 160 -12.35 18.15 -3.78
C PHE B 160 -13.32 17.69 -2.71
N ASP B 161 -14.11 16.67 -3.02
CA ASP B 161 -15.06 16.13 -2.05
C ASP B 161 -14.91 14.64 -1.80
N VAL B 162 -15.23 14.24 -0.57
CA VAL B 162 -15.21 12.85 -0.10
C VAL B 162 -16.52 12.55 0.61
N LEU B 163 -16.98 11.30 0.55
CA LEU B 163 -18.20 10.90 1.23
C LEU B 163 -17.83 10.00 2.40
N LEU B 164 -18.08 10.48 3.63
CA LEU B 164 -17.82 9.72 4.84
C LEU B 164 -19.03 8.88 5.17
N ILE B 165 -18.86 7.55 5.13
CA ILE B 165 -19.90 6.56 5.39
C ILE B 165 -20.24 6.54 6.89
N ARG B 166 -21.43 6.03 7.26
CA ARG B 166 -21.87 5.96 8.67
C ARG B 166 -20.84 5.24 9.55
N HIS B 167 -20.30 4.09 9.07
CA HIS B 167 -19.29 3.32 9.79
C HIS B 167 -18.06 4.18 10.12
N SER B 168 -17.50 4.88 9.10
CA SER B 168 -16.34 5.75 9.26
C SER B 168 -16.60 6.91 10.23
N LEU B 169 -17.81 7.52 10.15
CA LEU B 169 -18.19 8.62 11.05
C LEU B 169 -18.27 8.16 12.51
N GLU B 170 -18.67 6.90 12.74
CA GLU B 170 -18.81 6.32 14.08
C GLU B 170 -17.47 5.90 14.69
N VAL B 171 -16.57 5.28 13.90
CA VAL B 171 -15.29 4.75 14.38
C VAL B 171 -14.07 5.69 14.24
N THR B 172 -14.26 6.88 13.62
CA THR B 172 -13.18 7.86 13.44
C THR B 172 -13.57 9.23 14.03
N THR B 173 -12.63 10.19 14.01
CA THR B 173 -12.84 11.56 14.48
C THR B 173 -13.64 12.40 13.46
N TRP B 174 -13.97 11.80 12.29
CA TRP B 174 -14.74 12.46 11.23
C TRP B 174 -16.17 12.82 11.62
N GLY B 175 -16.72 12.10 12.61
CA GLY B 175 -18.05 12.33 13.14
C GLY B 175 -18.21 13.68 13.82
N GLU B 176 -17.09 14.26 14.31
CA GLU B 176 -17.08 15.56 14.98
C GLU B 176 -16.48 16.70 14.14
N ARG B 177 -16.02 16.40 12.91
CA ARG B 177 -15.42 17.40 12.01
C ARG B 177 -16.46 18.38 11.47
N LYS B 178 -16.05 19.65 11.31
CA LYS B 178 -16.92 20.73 10.83
C LYS B 178 -16.18 21.65 9.85
N ALA B 179 -16.92 22.56 9.17
CA ALA B 179 -16.34 23.52 8.24
C ALA B 179 -15.37 24.44 8.99
N GLY B 180 -14.22 24.70 8.39
CA GLY B 180 -13.16 25.51 8.98
C GLY B 180 -12.04 24.71 9.58
N ASP B 181 -12.33 23.43 9.96
CA ASP B 181 -11.35 22.52 10.54
C ASP B 181 -10.25 22.17 9.54
N LYS B 182 -9.03 22.00 10.05
CA LYS B 182 -7.89 21.61 9.24
C LYS B 182 -7.62 20.13 9.50
N VAL B 183 -7.38 19.38 8.42
CA VAL B 183 -7.09 17.95 8.51
C VAL B 183 -5.75 17.65 7.87
N ASN B 184 -5.09 16.58 8.30
CA ASN B 184 -3.82 16.15 7.73
C ASN B 184 -4.09 15.48 6.39
N ILE B 185 -3.33 15.88 5.35
CA ILE B 185 -3.48 15.32 4.01
C ILE B 185 -2.22 14.63 3.52
N GLU B 186 -2.36 13.36 3.13
CA GLU B 186 -1.30 12.58 2.53
C GLU B 186 -1.85 12.11 1.20
N ILE B 187 -1.31 12.67 0.11
CA ILE B 187 -1.73 12.28 -1.23
C ILE B 187 -1.25 10.85 -1.51
N ASP B 188 -1.93 10.17 -2.44
CA ASP B 188 -1.60 8.80 -2.80
C ASP B 188 -0.21 8.75 -3.43
N GLN B 189 0.69 7.92 -2.87
CA GLN B 189 2.06 7.74 -3.37
C GLN B 189 2.07 7.25 -4.82
N LEU B 190 1.00 6.52 -5.23
CA LEU B 190 0.82 6.02 -6.60
C LEU B 190 0.81 7.19 -7.60
N ALA B 191 0.24 8.36 -7.21
CA ALA B 191 0.18 9.56 -8.03
C ALA B 191 1.58 10.12 -8.31
N ARG B 192 2.53 9.93 -7.36
CA ARG B 192 3.92 10.37 -7.51
C ARG B 192 4.64 9.57 -8.58
N TYR B 193 4.25 8.29 -8.78
CA TYR B 193 4.81 7.43 -9.81
C TYR B 193 4.32 7.83 -11.20
N ALA B 194 3.09 8.36 -11.29
CA ALA B 194 2.51 8.88 -12.52
C ALA B 194 3.22 10.20 -12.87
N ALA B 195 3.46 11.06 -11.86
CA ALA B 195 4.16 12.34 -12.00
C ALA B 195 5.63 12.13 -12.39
N ARG B 196 6.29 11.10 -11.80
CA ARG B 196 7.68 10.75 -12.09
C ARG B 196 7.90 10.30 -13.54
N LEU B 197 7.03 9.39 -14.04
CA LEU B 197 7.11 8.88 -15.42
C LEU B 197 6.89 10.02 -16.43
N ALA B 198 5.96 10.96 -16.13
CA ALA B 198 5.67 12.12 -16.96
C ALA B 198 6.84 13.12 -16.93
N GLN B 199 7.54 13.22 -15.78
CA GLN B 199 8.70 14.09 -15.60
C GLN B 199 9.89 13.54 -16.41
N TYR B 200 10.13 12.21 -16.32
CA TYR B 200 11.22 11.52 -17.03
C TYR B 200 11.02 11.60 -18.54
N GLN B 201 9.78 11.37 -19.02
CA GLN B 201 9.43 11.43 -20.45
C GLN B 201 9.55 12.84 -21.03
N LYS B 202 9.34 13.88 -20.19
CA LYS B 202 9.48 15.29 -20.59
C LYS B 202 10.97 15.64 -20.73
N LEU B 203 11.81 15.19 -19.77
CA LEU B 203 13.26 15.41 -19.74
C LEU B 203 13.94 14.67 -20.90
N GLU B 204 13.38 13.51 -21.31
CA GLU B 204 13.86 12.65 -22.39
C GLU B 204 13.77 13.35 -23.76
N HIS B 205 12.60 13.95 -24.08
CA HIS B 205 12.34 14.65 -25.34
C HIS B 205 12.72 16.13 -25.25
N MET C 1 10.13 -13.67 2.99
CA MET C 1 10.09 -12.24 2.70
C MET C 1 10.83 -11.40 3.75
N PHE C 2 11.15 -10.14 3.41
CA PHE C 2 11.95 -9.26 4.28
C PHE C 2 11.35 -7.86 4.40
N THR C 3 11.86 -7.05 5.33
CA THR C 3 11.38 -5.69 5.54
C THR C 3 12.41 -4.59 5.26
N GLY C 4 13.67 -4.97 5.10
CA GLY C 4 14.74 -4.01 4.86
C GLY C 4 15.32 -3.45 6.14
N ILE C 5 15.05 -4.12 7.27
CA ILE C 5 15.58 -3.73 8.57
C ILE C 5 16.72 -4.71 8.86
N ILE C 6 17.96 -4.26 8.58
CA ILE C 6 19.18 -5.04 8.76
C ILE C 6 19.40 -5.32 10.23
N THR C 7 19.69 -6.59 10.56
CA THR C 7 19.87 -7.05 11.93
C THR C 7 21.30 -7.53 12.23
N ASP C 8 22.15 -7.65 11.21
CA ASP C 8 23.54 -8.08 11.37
C ASP C 8 24.41 -7.69 10.20
N ILE C 9 25.71 -7.43 10.48
CA ILE C 9 26.71 -7.16 9.46
C ILE C 9 27.51 -8.45 9.37
N GLY C 10 27.27 -9.21 8.31
CA GLY C 10 27.95 -10.47 8.07
C GLY C 10 29.29 -10.25 7.40
N LYS C 11 30.15 -11.27 7.43
CA LYS C 11 31.46 -11.20 6.82
C LYS C 11 31.66 -12.42 5.93
N VAL C 12 32.02 -12.20 4.66
CA VAL C 12 32.27 -13.28 3.70
C VAL C 12 33.62 -13.93 4.07
N ASP C 13 33.58 -15.19 4.54
CA ASP C 13 34.78 -15.95 4.95
C ASP C 13 35.43 -16.62 3.76
N ARG C 14 34.62 -17.21 2.87
CA ARG C 14 35.09 -17.96 1.71
C ARG C 14 34.24 -17.70 0.47
N VAL C 15 34.89 -17.68 -0.69
CA VAL C 15 34.28 -17.53 -2.02
C VAL C 15 34.80 -18.73 -2.80
N LYS C 16 33.92 -19.70 -3.11
CA LYS C 16 34.32 -20.90 -3.82
C LYS C 16 33.59 -21.05 -5.16
N PRO C 17 34.31 -21.15 -6.30
CA PRO C 17 33.63 -21.32 -7.59
C PRO C 17 32.94 -22.68 -7.66
N LEU C 18 31.71 -22.67 -8.18
CA LEU C 18 30.88 -23.86 -8.38
C LEU C 18 30.65 -24.00 -9.88
N ASN C 19 30.00 -25.09 -10.31
CA ASN C 19 29.67 -25.28 -11.71
C ASN C 19 28.50 -24.36 -12.03
N GLU C 20 28.78 -23.27 -12.79
CA GLU C 20 27.83 -22.21 -13.19
C GLU C 20 27.30 -21.42 -11.98
N GLY C 21 28.09 -21.34 -10.91
CA GLY C 21 27.71 -20.63 -9.68
C GLY C 21 28.86 -20.33 -8.73
N VAL C 22 28.52 -19.74 -7.56
CA VAL C 22 29.48 -19.36 -6.52
C VAL C 22 28.95 -19.77 -5.14
N LEU C 23 29.81 -20.42 -4.34
CA LEU C 23 29.50 -20.80 -2.96
C LEU C 23 30.11 -19.76 -2.03
N LEU C 24 29.30 -19.24 -1.10
CA LEU C 24 29.76 -18.24 -0.13
C LEU C 24 29.60 -18.78 1.28
N ARG C 25 30.65 -18.62 2.11
CA ARG C 25 30.59 -18.96 3.53
C ARG C 25 30.55 -17.63 4.25
N ILE C 26 29.49 -17.37 5.02
CA ILE C 26 29.31 -16.10 5.71
C ILE C 26 29.34 -16.24 7.23
N GLU C 27 30.23 -15.49 7.89
CA GLU C 27 30.34 -15.43 9.34
C GLU C 27 29.25 -14.47 9.82
N THR C 28 28.51 -14.86 10.86
CA THR C 28 27.41 -14.05 11.39
C THR C 28 27.36 -14.03 12.91
N ALA C 29 26.72 -12.98 13.48
CA ALA C 29 26.52 -12.84 14.92
C ALA C 29 25.21 -13.52 15.34
N TYR C 30 24.40 -14.00 14.35
CA TYR C 30 23.15 -14.71 14.60
C TYR C 30 23.46 -15.99 15.38
N ASP C 31 22.58 -16.33 16.35
CA ASP C 31 22.72 -17.54 17.15
C ASP C 31 22.71 -18.77 16.22
N PRO C 32 23.77 -19.62 16.23
CA PRO C 32 23.80 -20.78 15.31
C PRO C 32 22.61 -21.75 15.44
N GLU C 33 22.03 -21.83 16.65
CA GLU C 33 20.86 -22.69 16.92
C GLU C 33 19.58 -22.18 16.25
N THR C 34 19.52 -20.87 15.90
CA THR C 34 18.37 -20.24 15.24
C THR C 34 18.41 -20.39 13.71
N ILE C 35 19.57 -20.77 13.14
CA ILE C 35 19.70 -20.96 11.68
C ILE C 35 19.48 -22.43 11.34
N GLU C 36 18.46 -22.70 10.53
CA GLU C 36 18.09 -24.03 10.08
C GLU C 36 18.44 -24.18 8.60
N LEU C 37 18.71 -25.43 8.14
CA LEU C 37 19.00 -25.69 6.73
C LEU C 37 17.78 -25.34 5.90
N GLY C 38 18.00 -24.64 4.80
CA GLY C 38 16.92 -24.23 3.90
C GLY C 38 16.33 -22.86 4.20
N ALA C 39 16.75 -22.21 5.31
CA ALA C 39 16.26 -20.87 5.69
C ALA C 39 16.70 -19.81 4.69
N SER C 40 15.86 -18.78 4.48
CA SER C 40 16.13 -17.69 3.56
C SER C 40 16.72 -16.49 4.32
N ILE C 41 17.88 -16.01 3.86
CA ILE C 41 18.56 -14.85 4.46
C ILE C 41 18.90 -13.86 3.34
N ALA C 42 18.53 -12.59 3.54
CA ALA C 42 18.83 -11.53 2.59
C ALA C 42 20.27 -11.08 2.85
N CYS C 43 21.15 -11.28 1.86
CA CYS C 43 22.57 -10.94 1.92
C CYS C 43 22.78 -9.72 1.03
N SER C 44 22.89 -8.53 1.66
CA SER C 44 22.97 -7.22 0.99
C SER C 44 21.81 -7.05 -0.01
N GLY C 45 20.63 -7.49 0.42
CA GLY C 45 19.40 -7.43 -0.36
C GLY C 45 19.12 -8.62 -1.25
N VAL C 46 20.05 -9.59 -1.31
CA VAL C 46 19.88 -10.77 -2.16
C VAL C 46 19.35 -11.94 -1.33
N CYS C 47 18.13 -12.41 -1.66
CA CYS C 47 17.53 -13.56 -0.98
C CYS C 47 18.28 -14.81 -1.41
N LEU C 48 18.93 -15.47 -0.44
CA LEU C 48 19.71 -16.70 -0.65
C LEU C 48 19.35 -17.74 0.41
N THR C 49 19.33 -19.01 0.00
CA THR C 49 18.99 -20.15 0.88
C THR C 49 20.23 -20.74 1.53
N VAL C 50 20.13 -21.04 2.83
CA VAL C 50 21.19 -21.69 3.61
C VAL C 50 21.33 -23.13 3.10
N VAL C 51 22.49 -23.45 2.54
CA VAL C 51 22.79 -24.77 1.96
C VAL C 51 23.62 -25.66 2.89
N ALA C 52 24.45 -25.06 3.76
CA ALA C 52 25.29 -25.79 4.70
C ALA C 52 25.50 -25.01 5.98
N LEU C 53 25.70 -25.74 7.08
CA LEU C 53 25.90 -25.20 8.43
C LEU C 53 27.01 -25.98 9.14
N PRO C 54 27.56 -25.52 10.30
CA PRO C 54 28.60 -26.31 10.98
C PRO C 54 28.07 -27.66 11.44
N GLU C 55 28.94 -28.68 11.50
CA GLU C 55 28.57 -30.03 11.92
C GLU C 55 28.18 -30.14 13.40
N LYS C 56 27.58 -31.27 13.82
CA LYS C 56 27.12 -31.53 15.18
C LYS C 56 28.21 -31.29 16.23
N GLY C 57 27.89 -30.48 17.24
CA GLY C 57 28.79 -30.15 18.33
C GLY C 57 29.79 -29.03 18.08
N SER C 58 29.83 -28.51 16.83
CA SER C 58 30.75 -27.42 16.46
C SER C 58 30.30 -26.08 17.03
N ASN C 59 31.28 -25.23 17.41
CA ASN C 59 31.06 -23.90 17.96
C ASN C 59 31.03 -22.81 16.87
N ALA C 60 31.36 -23.19 15.62
CA ALA C 60 31.42 -22.29 14.46
C ALA C 60 30.15 -21.47 14.23
N ARG C 61 30.34 -20.19 13.84
CA ARG C 61 29.25 -19.22 13.67
C ARG C 61 29.06 -18.80 12.20
N TRP C 62 29.09 -19.76 11.27
CA TRP C 62 28.91 -19.47 9.85
C TRP C 62 27.72 -20.19 9.21
N PHE C 63 27.33 -19.72 8.02
CA PHE C 63 26.32 -20.33 7.18
C PHE C 63 26.78 -20.28 5.73
N GLU C 64 26.37 -21.26 4.93
CA GLU C 64 26.74 -21.28 3.51
C GLU C 64 25.55 -21.07 2.61
N VAL C 65 25.74 -20.29 1.54
CA VAL C 65 24.74 -19.98 0.52
C VAL C 65 25.35 -20.18 -0.86
N GLU C 66 24.51 -20.41 -1.88
CA GLU C 66 24.93 -20.59 -3.26
C GLU C 66 24.25 -19.54 -4.15
N ALA C 67 25.05 -18.82 -4.95
CA ALA C 67 24.57 -17.79 -5.86
C ALA C 67 24.65 -18.30 -7.29
N TRP C 68 23.54 -18.19 -8.03
CA TRP C 68 23.41 -18.67 -9.41
C TRP C 68 23.44 -17.55 -10.44
N GLU C 69 23.34 -17.90 -11.75
CA GLU C 69 23.42 -16.96 -12.87
C GLU C 69 22.68 -15.63 -12.72
N GLU C 70 21.38 -15.66 -12.31
CA GLU C 70 20.58 -14.45 -12.13
C GLU C 70 21.17 -13.51 -11.08
N ALA C 71 21.55 -14.07 -9.90
CA ALA C 71 22.16 -13.30 -8.81
C ALA C 71 23.55 -12.77 -9.22
N LEU C 72 24.37 -13.62 -9.88
CA LEU C 72 25.70 -13.21 -10.33
C LEU C 72 25.66 -12.13 -11.42
N ARG C 73 24.66 -12.20 -12.32
CA ARG C 73 24.44 -11.25 -13.40
C ARG C 73 23.93 -9.89 -12.92
N LEU C 74 22.84 -9.88 -12.10
CA LEU C 74 22.17 -8.67 -11.64
C LEU C 74 22.71 -8.00 -10.38
N THR C 75 23.33 -8.77 -9.47
CA THR C 75 23.80 -8.23 -8.18
C THR C 75 25.31 -7.98 -8.08
N THR C 76 25.74 -7.42 -6.93
CA THR C 76 27.14 -7.13 -6.62
C THR C 76 27.93 -8.40 -6.25
N ILE C 77 27.23 -9.55 -5.99
CA ILE C 77 27.83 -10.84 -5.59
C ILE C 77 29.07 -11.24 -6.37
N SER C 78 29.08 -11.04 -7.71
CA SER C 78 30.22 -11.37 -8.60
C SER C 78 31.53 -10.67 -8.17
N SER C 79 31.44 -9.52 -7.48
CA SER C 79 32.59 -8.75 -7.00
C SER C 79 32.99 -9.08 -5.55
N TRP C 80 32.17 -9.86 -4.81
CA TRP C 80 32.43 -10.22 -3.42
C TRP C 80 33.64 -11.13 -3.28
N GLN C 81 34.55 -10.75 -2.39
CA GLN C 81 35.79 -11.47 -2.06
C GLN C 81 35.83 -11.68 -0.56
N SER C 82 36.67 -12.63 -0.08
CA SER C 82 36.84 -12.91 1.36
C SER C 82 37.17 -11.62 2.12
N GLY C 83 36.49 -11.42 3.25
CA GLY C 83 36.63 -10.24 4.09
C GLY C 83 35.58 -9.16 3.88
N ARG C 84 34.78 -9.27 2.80
CA ARG C 84 33.73 -8.30 2.47
C ARG C 84 32.60 -8.35 3.51
N LYS C 85 32.28 -7.18 4.09
CA LYS C 85 31.20 -7.03 5.04
C LYS C 85 29.90 -6.85 4.27
N ILE C 86 28.84 -7.60 4.66
CA ILE C 86 27.53 -7.56 3.99
C ILE C 86 26.38 -7.41 5.00
N ASN C 87 25.29 -6.77 4.57
CA ASN C 87 24.09 -6.61 5.39
C ASN C 87 23.33 -7.93 5.44
N LEU C 88 22.79 -8.27 6.61
CA LEU C 88 22.02 -9.51 6.79
C LEU C 88 20.67 -9.24 7.40
N GLU C 89 19.66 -10.01 6.96
CA GLU C 89 18.30 -9.93 7.46
C GLU C 89 17.64 -11.30 7.39
N ARG C 90 17.01 -11.73 8.49
CA ARG C 90 16.31 -13.00 8.56
C ARG C 90 14.95 -12.85 7.88
N SER C 91 14.40 -13.96 7.35
CA SER C 91 13.09 -13.94 6.68
C SER C 91 11.95 -13.72 7.68
N LEU C 92 10.93 -12.96 7.26
CA LEU C 92 9.75 -12.66 8.08
C LEU C 92 8.80 -13.86 8.11
N LYS C 93 8.01 -13.94 9.19
CA LYS C 93 6.97 -14.94 9.39
C LYS C 93 5.63 -14.19 9.37
N LEU C 94 4.54 -14.90 9.07
CA LEU C 94 3.19 -14.31 9.05
C LEU C 94 2.90 -13.68 10.43
N GLY C 95 2.49 -12.41 10.43
CA GLY C 95 2.19 -11.66 11.64
C GLY C 95 3.33 -10.84 12.22
N ASP C 96 4.54 -10.91 11.62
CA ASP C 96 5.70 -10.15 12.09
C ASP C 96 5.58 -8.67 11.79
N GLU C 97 6.17 -7.83 12.66
CA GLU C 97 6.19 -6.38 12.47
C GLU C 97 7.10 -6.05 11.28
N MET C 98 6.79 -5.00 10.53
CA MET C 98 7.57 -4.61 9.35
C MET C 98 7.97 -3.13 9.45
N GLY C 99 9.14 -2.90 10.05
CA GLY C 99 9.71 -1.58 10.29
C GLY C 99 10.15 -0.79 9.08
N GLY C 100 10.43 -1.48 7.98
CA GLY C 100 10.85 -0.85 6.73
C GLY C 100 9.71 -0.84 5.73
N HIS C 101 9.83 -1.65 4.66
CA HIS C 101 8.81 -1.81 3.64
C HIS C 101 8.79 -3.26 3.15
N LEU C 102 7.97 -3.63 2.16
CA LEU C 102 7.99 -5.02 1.71
C LEU C 102 9.18 -5.27 0.78
N VAL C 103 10.14 -6.07 1.26
CA VAL C 103 11.38 -6.40 0.54
C VAL C 103 11.35 -7.90 0.20
N PHE C 104 11.35 -8.24 -1.09
CA PHE C 104 11.34 -9.64 -1.52
C PHE C 104 12.74 -10.26 -1.54
N GLY C 105 13.76 -9.42 -1.62
CA GLY C 105 15.14 -9.88 -1.71
C GLY C 105 15.50 -10.27 -3.14
N HIS C 106 14.70 -9.77 -4.11
CA HIS C 106 14.90 -10.02 -5.53
C HIS C 106 15.39 -8.72 -6.16
N VAL C 107 16.71 -8.53 -6.17
CA VAL C 107 17.30 -7.31 -6.70
C VAL C 107 17.15 -7.16 -8.22
N ASP C 108 16.78 -5.94 -8.65
CA ASP C 108 16.55 -5.59 -10.04
C ASP C 108 17.84 -5.26 -10.80
N GLY C 109 18.84 -4.76 -10.08
CA GLY C 109 20.13 -4.41 -10.64
C GLY C 109 21.08 -3.75 -9.67
N GLN C 110 22.00 -2.95 -10.19
CA GLN C 110 22.99 -2.26 -9.37
C GLN C 110 22.93 -0.75 -9.57
N ALA C 111 22.97 -0.01 -8.45
CA ALA C 111 23.03 1.45 -8.45
C ALA C 111 24.45 1.83 -8.06
N GLU C 112 24.98 2.93 -8.63
CA GLU C 112 26.33 3.37 -8.31
C GLU C 112 26.30 4.66 -7.51
N ILE C 113 27.03 4.70 -6.37
CA ILE C 113 27.11 5.90 -5.54
C ILE C 113 28.03 6.88 -6.26
N VAL C 114 27.51 8.08 -6.56
CA VAL C 114 28.27 9.11 -7.25
C VAL C 114 28.81 10.18 -6.29
N GLU C 115 28.16 10.34 -5.11
CA GLU C 115 28.56 11.30 -4.08
C GLU C 115 28.09 10.90 -2.68
N ARG C 116 28.91 11.22 -1.68
CA ARG C 116 28.67 11.00 -0.25
C ARG C 116 28.91 12.35 0.43
N LYS C 117 27.88 12.90 1.10
CA LYS C 117 27.98 14.20 1.77
C LYS C 117 27.40 14.18 3.18
N ASP C 118 28.17 14.70 4.15
CA ASP C 118 27.77 14.78 5.56
C ASP C 118 26.75 15.87 5.80
N GLU C 119 25.72 15.57 6.62
CA GLU C 119 24.64 16.48 7.01
C GLU C 119 24.32 16.25 8.49
N GLY C 120 25.23 16.72 9.36
CA GLY C 120 25.13 16.56 10.81
C GLY C 120 25.46 15.13 11.20
N ASP C 121 24.50 14.46 11.88
CA ASP C 121 24.64 13.06 12.27
C ASP C 121 24.34 12.14 11.07
N ALA C 122 23.52 12.64 10.13
CA ALA C 122 23.12 11.93 8.91
C ALA C 122 24.06 12.15 7.73
N VAL C 123 24.06 11.21 6.77
CA VAL C 123 24.89 11.27 5.56
C VAL C 123 24.00 11.10 4.32
N ARG C 124 24.06 12.09 3.41
CA ARG C 124 23.31 12.11 2.16
C ARG C 124 24.10 11.42 1.06
N PHE C 125 23.53 10.35 0.47
CA PHE C 125 24.14 9.59 -0.61
C PHE C 125 23.43 9.86 -1.93
N THR C 126 24.19 10.29 -2.96
CA THR C 126 23.66 10.50 -4.31
C THR C 126 24.02 9.26 -5.12
N LEU C 127 23.02 8.65 -5.76
CA LEU C 127 23.20 7.42 -6.52
C LEU C 127 22.73 7.52 -7.95
N ARG C 128 23.42 6.82 -8.86
CA ARG C 128 23.08 6.73 -10.27
C ARG C 128 22.36 5.39 -10.47
N ALA C 129 21.10 5.46 -10.89
CA ALA C 129 20.26 4.28 -11.10
C ALA C 129 20.35 3.78 -12.54
N PRO C 130 20.18 2.45 -12.81
CA PRO C 130 20.17 1.99 -14.22
C PRO C 130 18.97 2.62 -14.93
N GLU C 131 19.16 3.03 -16.20
CA GLU C 131 18.16 3.69 -17.05
C GLU C 131 16.77 3.03 -17.08
N GLU C 132 16.72 1.69 -16.94
CA GLU C 132 15.48 0.92 -16.95
C GLU C 132 14.68 1.14 -15.66
N LEU C 133 15.37 1.43 -14.54
CA LEU C 133 14.80 1.65 -13.21
C LEU C 133 14.52 3.12 -12.90
N ALA C 134 15.35 4.04 -13.43
CA ALA C 134 15.26 5.49 -13.22
C ALA C 134 13.87 6.14 -13.38
N PRO C 135 13.02 5.81 -14.40
CA PRO C 135 11.70 6.46 -14.47
C PRO C 135 10.69 5.95 -13.44
N PHE C 136 11.10 4.94 -12.64
CA PHE C 136 10.27 4.32 -11.61
C PHE C 136 10.81 4.53 -10.19
N ILE C 137 11.75 5.47 -10.04
CA ILE C 137 12.29 5.88 -8.75
C ILE C 137 11.70 7.27 -8.52
N ALA C 138 10.70 7.34 -7.63
CA ALA C 138 9.98 8.58 -7.34
C ALA C 138 10.27 9.10 -5.94
N GLN C 139 10.14 10.43 -5.74
CA GLN C 139 10.35 11.08 -4.44
C GLN C 139 9.36 10.52 -3.43
N LYS C 140 9.82 10.32 -2.18
CA LYS C 140 9.07 9.74 -1.04
C LYS C 140 8.83 8.24 -1.16
N GLY C 141 9.31 7.65 -2.26
CA GLY C 141 9.19 6.22 -2.51
C GLY C 141 10.17 5.42 -1.66
N SER C 142 9.83 4.16 -1.39
CA SER C 142 10.69 3.27 -0.62
C SER C 142 11.56 2.46 -1.55
N VAL C 143 12.84 2.30 -1.19
CA VAL C 143 13.80 1.55 -1.98
C VAL C 143 14.67 0.67 -1.07
N ALA C 144 15.05 -0.52 -1.57
CA ALA C 144 15.93 -1.42 -0.85
C ALA C 144 17.31 -1.30 -1.50
N LEU C 145 18.26 -0.66 -0.81
CA LEU C 145 19.63 -0.48 -1.29
C LEU C 145 20.55 -1.29 -0.38
N ASP C 146 21.17 -2.36 -0.93
CA ASP C 146 22.00 -3.32 -0.18
C ASP C 146 21.16 -3.95 0.95
N GLY C 147 19.88 -4.18 0.64
CA GLY C 147 18.89 -4.75 1.55
C GLY C 147 18.37 -3.82 2.60
N THR C 148 18.83 -2.55 2.61
CA THR C 148 18.42 -1.54 3.59
C THR C 148 17.21 -0.76 3.07
N SER C 149 16.14 -0.69 3.89
CA SER C 149 14.93 0.05 3.56
C SER C 149 15.24 1.54 3.72
N LEU C 150 15.12 2.30 2.61
CA LEU C 150 15.43 3.74 2.59
C LEU C 150 14.40 4.52 1.78
N THR C 151 14.14 5.78 2.18
CA THR C 151 13.20 6.66 1.47
C THR C 151 13.97 7.50 0.45
N VAL C 152 13.42 7.61 -0.77
CA VAL C 152 14.00 8.42 -1.84
C VAL C 152 13.71 9.89 -1.48
N ASN C 153 14.76 10.65 -1.11
CA ASN C 153 14.66 12.05 -0.69
C ASN C 153 14.48 13.04 -1.83
N GLY C 154 15.09 12.75 -2.98
CA GLY C 154 15.03 13.58 -4.18
C GLY C 154 15.45 12.83 -5.43
N VAL C 155 14.92 13.26 -6.58
CA VAL C 155 15.23 12.68 -7.90
C VAL C 155 15.65 13.74 -8.92
N ASN C 156 16.56 13.37 -9.84
CA ASN C 156 17.08 14.23 -10.91
C ASN C 156 17.66 13.32 -12.01
N ALA C 157 16.90 13.17 -13.13
CA ALA C 157 17.21 12.33 -14.30
C ALA C 157 17.47 10.86 -13.91
N ASN C 158 18.72 10.36 -14.04
CA ASN C 158 19.08 8.99 -13.67
C ASN C 158 19.63 8.94 -12.23
N GLU C 159 19.75 10.10 -11.58
CA GLU C 159 20.27 10.24 -10.21
C GLU C 159 19.16 10.42 -9.16
N PHE C 160 19.40 9.87 -7.96
CA PHE C 160 18.48 9.97 -6.81
C PHE C 160 19.25 10.07 -5.49
N ASP C 161 18.62 10.66 -4.47
CA ASP C 161 19.19 10.87 -3.14
C ASP C 161 18.51 10.09 -2.04
N VAL C 162 19.31 9.58 -1.09
CA VAL C 162 18.86 8.89 0.12
C VAL C 162 19.62 9.50 1.30
N LEU C 163 18.95 9.60 2.46
CA LEU C 163 19.56 10.15 3.67
C LEU C 163 19.73 9.03 4.68
N LEU C 164 20.99 8.72 5.02
CA LEU C 164 21.33 7.67 5.97
C LEU C 164 21.52 8.25 7.36
N ILE C 165 20.63 7.90 8.30
CA ILE C 165 20.68 8.37 9.69
C ILE C 165 21.81 7.68 10.47
N ARG C 166 22.23 8.28 11.61
CA ARG C 166 23.32 7.77 12.46
C ARG C 166 23.21 6.28 12.78
N HIS C 167 22.02 5.82 13.25
CA HIS C 167 21.75 4.43 13.59
C HIS C 167 21.98 3.48 12.41
N SER C 168 21.43 3.83 11.22
CA SER C 168 21.55 3.04 9.99
C SER C 168 23.00 2.93 9.53
N LEU C 169 23.79 4.00 9.69
CA LEU C 169 25.21 4.00 9.33
C LEU C 169 26.01 3.09 10.26
N GLU C 170 25.63 3.06 11.55
CA GLU C 170 26.29 2.27 12.60
C GLU C 170 26.01 0.76 12.50
N VAL C 171 24.74 0.37 12.26
CA VAL C 171 24.33 -1.05 12.22
C VAL C 171 24.32 -1.72 10.84
N THR C 172 24.66 -0.98 9.76
CA THR C 172 24.71 -1.52 8.39
C THR C 172 26.06 -1.19 7.71
N THR C 173 26.30 -1.79 6.53
CA THR C 173 27.50 -1.55 5.73
C THR C 173 27.54 -0.14 5.09
N TRP C 174 26.46 0.65 5.25
CA TRP C 174 26.38 2.03 4.74
C TRP C 174 27.38 2.99 5.37
N GLY C 175 27.85 2.66 6.57
CA GLY C 175 28.85 3.44 7.30
C GLY C 175 30.22 3.46 6.64
N GLU C 176 30.55 2.42 5.85
CA GLU C 176 31.82 2.30 5.13
C GLU C 176 31.68 2.54 3.62
N ARG C 177 30.45 2.83 3.17
CA ARG C 177 30.13 3.09 1.76
C ARG C 177 30.76 4.41 1.28
N LYS C 178 31.26 4.41 0.04
CA LYS C 178 31.92 5.57 -0.58
C LYS C 178 31.51 5.73 -2.04
N ALA C 179 31.84 6.88 -2.66
CA ALA C 179 31.56 7.16 -4.08
C ALA C 179 32.31 6.14 -4.95
N GLY C 180 31.62 5.66 -5.98
CA GLY C 180 32.16 4.65 -6.90
C GLY C 180 31.67 3.25 -6.58
N ASP C 181 31.18 3.03 -5.34
CA ASP C 181 30.67 1.73 -4.88
C ASP C 181 29.36 1.39 -5.53
N LYS C 182 29.22 0.12 -5.93
CA LYS C 182 27.99 -0.41 -6.52
C LYS C 182 27.17 -1.02 -5.39
N VAL C 183 25.86 -0.71 -5.38
CA VAL C 183 24.94 -1.25 -4.37
C VAL C 183 23.80 -1.98 -5.06
N ASN C 184 23.23 -2.98 -4.39
CA ASN C 184 22.09 -3.73 -4.91
C ASN C 184 20.85 -2.87 -4.79
N ILE C 185 20.02 -2.85 -5.83
CA ILE C 185 18.79 -2.06 -5.84
C ILE C 185 17.58 -2.93 -6.12
N GLU C 186 16.56 -2.81 -5.26
CA GLU C 186 15.28 -3.47 -5.39
C GLU C 186 14.22 -2.40 -5.22
N ILE C 187 13.46 -2.13 -6.29
CA ILE C 187 12.39 -1.15 -6.26
C ILE C 187 11.17 -1.76 -5.53
N ASP C 188 10.36 -0.92 -4.88
CA ASP C 188 9.20 -1.40 -4.12
C ASP C 188 8.02 -1.86 -5.01
N GLN C 189 6.94 -2.37 -4.39
CA GLN C 189 5.76 -2.89 -5.08
C GLN C 189 5.06 -1.85 -5.97
N LEU C 190 4.95 -0.59 -5.51
CA LEU C 190 4.32 0.49 -6.28
C LEU C 190 5.14 0.83 -7.53
N ALA C 191 6.48 0.90 -7.36
CA ALA C 191 7.43 1.18 -8.43
C ALA C 191 7.40 0.04 -9.47
N ARG C 192 7.32 -1.21 -8.99
CA ARG C 192 7.26 -2.43 -9.79
C ARG C 192 5.97 -2.45 -10.61
N TYR C 193 4.86 -2.00 -10.01
CA TYR C 193 3.55 -1.93 -10.65
C TYR C 193 3.58 -0.90 -11.79
N ALA C 194 4.14 0.30 -11.52
CA ALA C 194 4.29 1.37 -12.51
C ALA C 194 5.18 0.92 -13.67
N ALA C 195 6.26 0.16 -13.36
CA ALA C 195 7.20 -0.39 -14.36
C ALA C 195 6.54 -1.45 -15.24
N ARG C 196 5.67 -2.29 -14.65
CA ARG C 196 4.95 -3.36 -15.35
C ARG C 196 3.94 -2.78 -16.35
N LEU C 197 3.25 -1.69 -15.97
CA LEU C 197 2.26 -1.00 -16.80
C LEU C 197 2.92 -0.27 -17.97
N ALA C 198 4.11 0.32 -17.74
CA ALA C 198 4.89 1.00 -18.77
C ALA C 198 5.43 -0.02 -19.77
N GLN C 199 5.80 -1.23 -19.29
CA GLN C 199 6.29 -2.35 -20.10
C GLN C 199 5.16 -2.86 -21.01
N TYR C 200 3.91 -2.87 -20.49
CA TYR C 200 2.71 -3.26 -21.22
C TYR C 200 2.24 -2.08 -22.06
#